data_3K7C
#
_entry.id   3K7C
#
_cell.length_a   94.442
_cell.length_b   89.807
_cell.length_c   59.665
_cell.angle_alpha   90.000
_cell.angle_beta   110.500
_cell.angle_gamma   90.000
#
_symmetry.space_group_name_H-M   'C 1 2 1'
#
loop_
_entity.id
_entity.type
_entity.pdbx_description
1 polymer 'Putative NTF2-like transpeptidase'
2 non-polymer 'CHLORIDE ION'
3 non-polymer DI(HYDROXYETHYL)ETHER
4 non-polymer 'TRIETHYLENE GLYCOL'
5 water water
#
_entity_poly.entity_id   1
_entity_poly.type   'polypeptide(L)'
_entity_poly.pdbx_seq_one_letter_code
;G(MSE)AYGSSNPEDLAKNFTKDLYSGDTKSV(MSE)SYIDLSEAKSDEEKTFVSDKITQVVAENAAKAKR(MSE)GGVK
DIQIEEKTINKDSAKIRVLVLFNNDNNQSSNVFLAKKDRKWLVLLK
;
_entity_poly.pdbx_strand_id   A,B,C,D
#
# COMPACT_ATOMS: atom_id res chain seq x y z
N SER A 7 -31.51 -8.78 -23.21
CA SER A 7 -30.89 -9.81 -24.13
C SER A 7 -29.38 -10.05 -23.87
N ASN A 8 -28.65 -9.03 -23.40
N ASN A 8 -28.67 -9.02 -23.39
CA ASN A 8 -27.38 -9.23 -22.67
CA ASN A 8 -27.42 -9.17 -22.66
C ASN A 8 -27.67 -8.95 -21.19
C ASN A 8 -27.77 -9.03 -21.17
N PRO A 9 -27.03 -9.73 -20.28
CA PRO A 9 -27.41 -9.66 -18.85
C PRO A 9 -27.17 -8.33 -18.16
N GLU A 10 -26.17 -7.55 -18.59
CA GLU A 10 -25.91 -6.23 -17.98
C GLU A 10 -27.12 -5.31 -18.20
N ASP A 11 -27.64 -5.27 -19.42
CA ASP A 11 -28.84 -4.45 -19.74
C ASP A 11 -30.11 -4.98 -19.09
N LEU A 12 -30.26 -6.29 -19.00
CA LEU A 12 -31.39 -6.89 -18.25
C LEU A 12 -31.35 -6.56 -16.73
N ALA A 13 -30.15 -6.52 -16.15
CA ALA A 13 -29.93 -6.17 -14.74
C ALA A 13 -30.35 -4.75 -14.50
N LYS A 14 -29.93 -3.86 -15.41
CA LYS A 14 -30.28 -2.44 -15.30
C LYS A 14 -31.78 -2.12 -15.53
N ASN A 15 -32.41 -2.77 -16.49
CA ASN A 15 -33.84 -2.57 -16.73
C ASN A 15 -34.70 -3.11 -15.61
N PHE A 16 -34.40 -4.33 -15.17
CA PHE A 16 -34.99 -4.91 -13.94
C PHE A 16 -34.95 -3.91 -12.77
N THR A 17 -33.79 -3.32 -12.53
CA THR A 17 -33.61 -2.38 -11.45
C THR A 17 -34.45 -1.11 -11.69
N LYS A 18 -34.39 -0.55 -12.91
CA LYS A 18 -35.28 0.57 -13.26
C LYS A 18 -36.71 0.25 -12.93
N ASP A 19 -37.19 -0.93 -13.36
CA ASP A 19 -38.57 -1.33 -13.09
C ASP A 19 -38.86 -1.58 -11.62
N LEU A 20 -37.89 -2.13 -10.88
CA LEU A 20 -38.05 -2.34 -9.46
C LEU A 20 -38.38 -1.04 -8.68
N TYR A 21 -37.82 0.11 -9.09
CA TYR A 21 -38.10 1.43 -8.48
C TYR A 21 -39.24 2.21 -9.19
N SER A 22 -39.93 1.59 -10.16
CA SER A 22 -40.95 2.23 -11.01
C SER A 22 -42.41 2.03 -10.55
N GLY A 23 -42.62 1.20 -9.52
CA GLY A 23 -43.97 0.90 -9.02
C GLY A 23 -44.83 -0.06 -9.81
N ASP A 24 -44.26 -0.73 -10.78
CA ASP A 24 -45.03 -1.57 -11.67
C ASP A 24 -44.64 -3.04 -11.49
N THR A 25 -45.53 -3.76 -10.79
CA THR A 25 -45.27 -5.11 -10.33
C THR A 25 -45.25 -6.11 -11.48
N LYS A 26 -46.15 -5.98 -12.43
CA LYS A 26 -46.19 -6.86 -13.61
C LYS A 26 -44.92 -6.79 -14.43
N SER A 27 -44.33 -5.61 -14.53
CA SER A 27 -43.05 -5.48 -15.23
C SER A 27 -41.95 -6.22 -14.55
N VAL A 28 -41.83 -5.96 -13.25
CA VAL A 28 -40.83 -6.63 -12.43
C VAL A 28 -40.99 -8.15 -12.53
N SER A 30 -42.24 -10.05 -14.87
CA SER A 30 -41.87 -10.64 -16.15
C SER A 30 -40.39 -11.07 -16.28
N TYR A 31 -39.48 -10.44 -15.51
CA TYR A 31 -38.03 -10.76 -15.45
C TYR A 31 -37.66 -11.99 -14.64
N ILE A 32 -38.54 -12.44 -13.74
CA ILE A 32 -38.20 -13.40 -12.69
C ILE A 32 -38.42 -14.87 -13.11
N ASP A 33 -37.46 -15.71 -12.77
CA ASP A 33 -37.58 -17.15 -13.01
C ASP A 33 -38.33 -17.75 -11.82
N LEU A 34 -39.55 -18.22 -12.04
CA LEU A 34 -40.33 -18.88 -10.99
C LEU A 34 -40.19 -20.43 -10.92
N SER A 35 -39.06 -20.99 -11.33
CA SER A 35 -38.85 -22.45 -11.27
C SER A 35 -38.66 -23.01 -9.85
N GLU A 36 -38.05 -22.25 -8.93
CA GLU A 36 -37.94 -22.69 -7.51
C GLU A 36 -39.35 -22.83 -6.84
N ALA A 37 -40.24 -21.91 -7.17
CA ALA A 37 -41.57 -21.89 -6.62
C ALA A 37 -42.38 -22.97 -7.32
N LYS A 38 -42.34 -24.19 -6.76
CA LYS A 38 -42.94 -25.41 -7.34
CA LYS A 38 -42.94 -25.41 -7.34
C LYS A 38 -44.36 -25.71 -6.84
N SER A 39 -45.10 -24.70 -6.43
CA SER A 39 -46.56 -24.85 -6.21
C SER A 39 -47.19 -23.51 -6.51
N ASP A 40 -48.48 -23.51 -6.81
CA ASP A 40 -49.23 -22.28 -7.07
C ASP A 40 -49.15 -21.36 -5.85
N GLU A 41 -49.30 -21.91 -4.64
CA GLU A 41 -49.20 -21.15 -3.39
C GLU A 41 -47.79 -20.53 -3.20
N GLU A 42 -46.73 -21.24 -3.59
CA GLU A 42 -45.39 -20.65 -3.60
C GLU A 42 -45.26 -19.51 -4.61
N LYS A 43 -45.75 -19.73 -5.82
CA LYS A 43 -45.80 -18.64 -6.81
C LYS A 43 -46.53 -17.41 -6.28
N THR A 44 -47.69 -17.63 -5.66
CA THR A 44 -48.41 -16.51 -5.07
C THR A 44 -47.62 -15.79 -3.96
N PHE A 45 -46.95 -16.56 -3.11
CA PHE A 45 -46.15 -16.07 -2.06
C PHE A 45 -45.07 -15.14 -2.63
N VAL A 46 -44.39 -15.60 -3.70
CA VAL A 46 -43.38 -14.82 -4.37
C VAL A 46 -43.96 -13.57 -4.98
N SER A 47 -45.09 -13.72 -5.65
CA SER A 47 -45.75 -12.56 -6.23
C SER A 47 -46.16 -11.53 -5.14
N ASP A 48 -46.68 -12.00 -4.02
CA ASP A 48 -47.07 -11.09 -2.95
C ASP A 48 -45.89 -10.31 -2.38
N LYS A 49 -44.74 -10.97 -2.24
CA LYS A 49 -43.50 -10.32 -1.81
C LYS A 49 -42.95 -9.32 -2.81
N ILE A 50 -43.02 -9.66 -4.10
CA ILE A 50 -42.62 -8.73 -5.15
C ILE A 50 -43.60 -7.54 -5.16
N THR A 51 -44.89 -7.78 -5.13
CA THR A 51 -45.86 -6.66 -4.96
C THR A 51 -45.46 -5.67 -3.84
N GLN A 52 -45.00 -6.23 -2.70
CA GLN A 52 -44.65 -5.46 -1.52
C GLN A 52 -43.34 -4.73 -1.71
N VAL A 53 -42.32 -5.44 -2.22
CA VAL A 53 -41.04 -4.83 -2.54
C VAL A 53 -41.21 -3.69 -3.55
N VAL A 54 -41.97 -3.92 -4.61
CA VAL A 54 -42.25 -2.86 -5.56
C VAL A 54 -42.93 -1.61 -4.91
N ALA A 55 -43.99 -1.82 -4.10
CA ALA A 55 -44.61 -0.71 -3.39
C ALA A 55 -43.56 0.08 -2.54
N GLU A 56 -42.71 -0.66 -1.83
CA GLU A 56 -41.75 -0.08 -0.91
C GLU A 56 -40.64 0.68 -1.64
N ASN A 57 -40.13 0.11 -2.73
CA ASN A 57 -39.08 0.78 -3.49
C ASN A 57 -39.63 2.05 -4.18
N ALA A 58 -40.88 2.00 -4.65
CA ALA A 58 -41.53 3.19 -5.24
C ALA A 58 -41.67 4.30 -4.19
N ALA A 59 -42.11 3.98 -2.96
CA ALA A 59 -42.22 5.01 -1.92
C ALA A 59 -40.84 5.61 -1.57
N LYS A 60 -39.85 4.76 -1.49
CA LYS A 60 -38.50 5.13 -1.20
C LYS A 60 -37.85 5.99 -2.29
N ALA A 61 -38.03 5.63 -3.55
CA ALA A 61 -37.50 6.45 -4.65
C ALA A 61 -38.10 7.86 -4.55
N LYS A 62 -39.40 7.94 -4.31
CA LYS A 62 -40.06 9.22 -4.14
C LYS A 62 -39.42 10.05 -2.99
N ARG A 63 -39.25 9.44 -1.81
CA ARG A 63 -38.66 10.12 -0.66
CA ARG A 63 -38.59 10.06 -0.63
C ARG A 63 -37.23 10.62 -1.01
N GLY A 65 -36.11 11.64 -3.96
CA GLY A 65 -36.13 12.52 -5.10
C GLY A 65 -36.11 11.86 -6.44
N GLY A 66 -36.34 10.53 -6.48
CA GLY A 66 -36.32 9.74 -7.71
C GLY A 66 -34.95 9.25 -8.10
N VAL A 67 -34.91 8.25 -8.96
CA VAL A 67 -33.66 7.64 -9.36
C VAL A 67 -32.97 8.59 -10.35
N LYS A 68 -31.67 8.85 -10.12
CA LYS A 68 -30.83 9.68 -10.98
C LYS A 68 -30.21 8.84 -12.08
N ASP A 69 -29.63 7.72 -11.72
CA ASP A 69 -28.92 6.89 -12.67
C ASP A 69 -28.79 5.49 -12.09
N ILE A 70 -28.57 4.52 -12.99
CA ILE A 70 -28.36 3.12 -12.64
C ILE A 70 -27.11 2.64 -13.35
N GLN A 71 -26.24 1.98 -12.62
CA GLN A 71 -24.89 1.70 -13.11
C GLN A 71 -24.47 0.38 -12.58
N ILE A 72 -23.48 -0.21 -13.25
CA ILE A 72 -22.99 -1.49 -12.89
C ILE A 72 -21.64 -1.34 -12.32
N GLU A 73 -21.40 -1.94 -11.15
CA GLU A 73 -20.17 -1.73 -10.39
C GLU A 73 -19.17 -2.87 -10.43
N GLU A 74 -19.70 -4.07 -10.29
CA GLU A 74 -18.95 -5.32 -10.34
CA GLU A 74 -18.92 -5.30 -10.40
C GLU A 74 -19.78 -6.28 -11.20
N LYS A 75 -19.11 -7.16 -11.92
CA LYS A 75 -19.83 -8.16 -12.71
C LYS A 75 -19.02 -9.42 -12.87
N THR A 76 -19.72 -10.53 -12.94
CA THR A 76 -19.15 -11.82 -13.18
C THR A 76 -20.14 -12.47 -14.12
N ILE A 77 -19.75 -12.69 -15.38
CA ILE A 77 -20.66 -13.13 -16.42
C ILE A 77 -20.03 -14.25 -17.22
N ASN A 78 -20.75 -15.33 -17.39
CA ASN A 78 -20.39 -16.34 -18.41
C ASN A 78 -21.58 -16.63 -19.30
N LYS A 79 -21.48 -17.59 -20.22
CA LYS A 79 -22.53 -17.76 -21.26
C LYS A 79 -23.93 -17.97 -20.72
N ASP A 80 -24.07 -18.57 -19.52
CA ASP A 80 -25.43 -18.81 -18.95
C ASP A 80 -25.69 -18.39 -17.50
N SER A 81 -24.76 -17.66 -16.87
CA SER A 81 -25.02 -17.13 -15.55
C SER A 81 -24.23 -15.84 -15.28
N ALA A 82 -24.73 -15.06 -14.32
CA ALA A 82 -24.31 -13.70 -14.11
C ALA A 82 -24.57 -13.30 -12.68
N LYS A 83 -23.60 -12.61 -12.07
CA LYS A 83 -23.81 -11.92 -10.78
C LYS A 83 -23.35 -10.51 -11.05
N ILE A 84 -24.25 -9.54 -10.83
CA ILE A 84 -24.04 -8.19 -11.27
C ILE A 84 -24.40 -7.25 -10.13
N ARG A 85 -23.44 -6.49 -9.61
CA ARG A 85 -23.77 -5.52 -8.55
C ARG A 85 -24.26 -4.29 -9.27
N VAL A 86 -25.56 -3.99 -9.13
CA VAL A 86 -26.19 -2.79 -9.74
C VAL A 86 -26.21 -1.63 -8.71
N LEU A 87 -25.62 -0.49 -9.07
CA LEU A 87 -25.67 0.75 -8.25
C LEU A 87 -26.81 1.66 -8.70
N VAL A 88 -27.76 1.96 -7.80
CA VAL A 88 -28.80 2.96 -8.06
C VAL A 88 -28.35 4.26 -7.38
N LEU A 89 -28.33 5.35 -8.14
CA LEU A 89 -27.99 6.68 -7.64
C LEU A 89 -29.28 7.46 -7.61
N PHE A 90 -29.61 8.06 -6.46
CA PHE A 90 -30.84 8.84 -6.28
C PHE A 90 -30.55 10.33 -6.38
N ASN A 91 -31.59 11.11 -6.73
CA ASN A 91 -31.43 12.55 -6.91
C ASN A 91 -31.13 13.34 -5.64
N ASN A 92 -31.34 12.74 -4.45
CA ASN A 92 -30.83 13.35 -3.24
C ASN A 92 -29.32 13.11 -2.96
N ASP A 93 -28.57 12.54 -3.91
CA ASP A 93 -27.11 12.27 -3.80
C ASP A 93 -26.72 11.06 -2.96
N ASN A 94 -27.69 10.28 -2.52
CA ASN A 94 -27.41 9.00 -1.88
C ASN A 94 -27.42 7.92 -2.96
N ASN A 95 -26.57 6.91 -2.79
CA ASN A 95 -26.54 5.75 -3.68
C ASN A 95 -26.70 4.46 -2.90
N GLN A 96 -27.18 3.42 -3.59
CA GLN A 96 -27.41 2.11 -2.99
C GLN A 96 -27.03 1.10 -4.03
N SER A 97 -26.40 0.01 -3.60
CA SER A 97 -26.07 -1.10 -4.50
C SER A 97 -26.45 -2.48 -3.92
N SER A 98 -26.61 -3.46 -4.81
CA SER A 98 -26.80 -4.85 -4.40
C SER A 98 -26.61 -5.73 -5.63
N ASN A 99 -26.48 -7.03 -5.39
CA ASN A 99 -26.29 -8.01 -6.47
C ASN A 99 -27.60 -8.48 -7.06
N VAL A 100 -27.68 -8.51 -8.40
CA VAL A 100 -28.71 -9.21 -9.16
C VAL A 100 -28.05 -10.51 -9.70
N PHE A 101 -28.66 -11.66 -9.43
CA PHE A 101 -28.23 -12.95 -9.99
C PHE A 101 -29.10 -13.31 -11.19
N LEU A 102 -28.50 -13.70 -12.31
CA LEU A 102 -29.26 -14.11 -13.52
C LEU A 102 -28.78 -15.44 -14.08
N ALA A 103 -29.65 -16.07 -14.85
CA ALA A 103 -29.33 -17.31 -15.56
C ALA A 103 -30.06 -17.31 -16.88
N LYS A 104 -29.42 -17.94 -17.87
CA LYS A 104 -29.97 -18.19 -19.21
C LYS A 104 -30.20 -19.68 -19.36
N LYS A 105 -31.42 -20.11 -19.04
CA LYS A 105 -31.77 -21.52 -19.06
C LYS A 105 -32.02 -22.00 -20.51
N ASP A 106 -32.76 -21.20 -21.29
CA ASP A 106 -33.12 -21.51 -22.69
C ASP A 106 -32.41 -20.46 -23.60
N ARG A 107 -33.14 -19.53 -24.24
CA ARG A 107 -32.49 -18.48 -25.05
C ARG A 107 -32.84 -17.10 -24.43
N LYS A 108 -33.00 -17.06 -23.12
CA LYS A 108 -33.60 -15.88 -22.43
C LYS A 108 -32.95 -15.73 -21.04
N TRP A 109 -32.34 -14.58 -20.77
CA TRP A 109 -31.85 -14.29 -19.42
C TRP A 109 -33.04 -13.96 -18.51
N LEU A 110 -32.96 -14.41 -17.26
CA LEU A 110 -33.99 -14.14 -16.26
C LEU A 110 -33.36 -13.95 -14.92
N VAL A 111 -33.94 -13.07 -14.12
CA VAL A 111 -33.43 -12.79 -12.78
C VAL A 111 -33.76 -13.95 -11.86
N LEU A 112 -32.81 -14.38 -11.03
CA LEU A 112 -33.04 -15.46 -10.05
C LEU A 112 -33.40 -14.86 -8.69
N LEU A 113 -34.34 -15.53 -8.02
CA LEU A 113 -34.76 -15.20 -6.66
C LEU A 113 -33.69 -15.63 -5.68
N LYS A 114 -32.99 -14.65 -5.09
CA LYS A 114 -31.97 -14.94 -4.05
C LYS A 114 -32.56 -14.79 -2.65
N SER B 7 -9.50 13.84 13.98
CA SER B 7 -9.29 15.32 13.76
C SER B 7 -8.73 15.70 12.37
N ASN B 8 -8.66 14.75 11.43
CA ASN B 8 -8.72 15.06 10.00
C ASN B 8 -10.14 14.73 9.57
N PRO B 9 -10.65 15.35 8.49
CA PRO B 9 -12.08 15.16 8.22
C PRO B 9 -12.47 13.79 7.65
N GLU B 10 -11.54 13.08 7.02
CA GLU B 10 -11.83 11.69 6.58
C GLU B 10 -12.17 10.78 7.73
N ASP B 11 -11.28 10.70 8.73
CA ASP B 11 -11.55 9.91 9.94
C ASP B 11 -12.85 10.32 10.64
N LEU B 12 -13.05 11.63 10.75
CA LEU B 12 -14.25 12.15 11.36
C LEU B 12 -15.52 11.68 10.63
N ALA B 13 -15.52 11.80 9.30
CA ALA B 13 -16.64 11.31 8.48
C ALA B 13 -16.95 9.80 8.70
N LYS B 14 -15.89 9.00 8.77
CA LYS B 14 -16.02 7.54 8.93
C LYS B 14 -16.59 7.20 10.30
N ASN B 15 -16.02 7.82 11.33
CA ASN B 15 -16.41 7.54 12.73
C ASN B 15 -17.81 8.06 13.04
N PHE B 16 -18.16 9.22 12.48
CA PHE B 16 -19.51 9.75 12.55
C PHE B 16 -20.50 8.77 11.91
N THR B 17 -20.19 8.31 10.70
CA THR B 17 -21.01 7.28 10.05
C THR B 17 -21.10 6.01 10.90
N LYS B 18 -19.98 5.55 11.45
CA LYS B 18 -19.98 4.36 12.38
C LYS B 18 -20.92 4.55 13.56
N ASP B 19 -20.82 5.68 14.24
CA ASP B 19 -21.68 5.97 15.39
C ASP B 19 -23.18 6.11 15.01
N LEU B 20 -23.44 6.68 13.83
CA LEU B 20 -24.80 6.92 13.33
C LEU B 20 -25.58 5.61 13.13
N TYR B 21 -24.89 4.65 12.54
CA TYR B 21 -25.48 3.34 12.28
C TYR B 21 -25.43 2.40 13.47
N SER B 22 -24.62 2.68 14.48
CA SER B 22 -24.61 1.84 15.69
C SER B 22 -25.61 2.29 16.78
N GLY B 23 -26.37 3.37 16.58
CA GLY B 23 -27.38 3.82 17.58
C GLY B 23 -26.93 4.74 18.72
N ASP B 24 -25.69 5.24 18.67
CA ASP B 24 -25.13 6.08 19.71
C ASP B 24 -25.37 7.53 19.36
N THR B 25 -26.61 7.96 19.58
CA THR B 25 -27.06 9.36 19.40
C THR B 25 -26.22 10.33 20.15
N LYS B 26 -25.72 9.96 21.32
CA LYS B 26 -24.86 10.86 22.10
C LYS B 26 -23.50 11.15 21.41
N SER B 27 -22.83 10.12 20.89
CA SER B 27 -21.63 10.33 20.06
C SER B 27 -21.94 11.11 18.80
N VAL B 28 -22.94 10.69 18.05
CA VAL B 28 -23.37 11.46 16.84
C VAL B 28 -23.47 12.98 17.16
N SER B 30 -22.07 14.73 19.34
CA SER B 30 -20.78 15.31 19.63
C SER B 30 -19.95 15.78 18.42
N TYR B 31 -20.28 15.35 17.20
CA TYR B 31 -19.58 15.81 16.00
C TYR B 31 -20.20 17.03 15.33
N ILE B 32 -21.42 17.40 15.70
CA ILE B 32 -22.28 18.26 14.86
C ILE B 32 -22.14 19.74 15.18
N ASP B 33 -22.05 20.57 14.12
CA ASP B 33 -22.06 22.03 14.27
C ASP B 33 -23.46 22.48 14.63
N LEU B 34 -23.70 22.68 15.93
CA LEU B 34 -24.94 23.26 16.40
C LEU B 34 -24.85 24.78 16.67
N SER B 35 -23.72 25.41 16.35
CA SER B 35 -23.52 26.83 16.65
C SER B 35 -24.52 27.77 15.94
N GLU B 36 -25.06 27.35 14.79
CA GLU B 36 -26.10 28.10 14.05
C GLU B 36 -27.46 28.11 14.78
N ALA B 37 -27.81 27.00 15.45
CA ALA B 37 -29.05 26.91 16.25
C ALA B 37 -28.89 27.72 17.55
N LYS B 38 -29.62 28.83 17.64
CA LYS B 38 -29.46 29.83 18.71
C LYS B 38 -30.09 29.33 20.02
N SER B 39 -31.42 29.19 20.00
CA SER B 39 -32.23 28.96 21.16
C SER B 39 -32.32 27.48 21.55
N ASP B 40 -32.78 27.24 22.77
CA ASP B 40 -33.00 25.88 23.25
C ASP B 40 -34.04 25.11 22.43
N GLU B 41 -35.03 25.85 21.93
CA GLU B 41 -35.98 25.35 20.96
C GLU B 41 -35.30 24.73 19.75
N GLU B 42 -34.39 25.48 19.13
CA GLU B 42 -33.69 25.03 17.92
C GLU B 42 -32.79 23.84 18.19
N LYS B 43 -32.03 23.93 19.28
CA LYS B 43 -31.21 22.81 19.73
C LYS B 43 -32.02 21.55 19.94
N THR B 44 -33.16 21.66 20.63
CA THR B 44 -34.02 20.52 20.96
C THR B 44 -34.61 19.90 19.68
N PHE B 45 -35.19 20.73 18.82
CA PHE B 45 -35.68 20.37 17.50
C PHE B 45 -34.63 19.60 16.72
N VAL B 46 -33.42 20.17 16.68
CA VAL B 46 -32.30 19.57 15.98
C VAL B 46 -32.00 18.18 16.56
N SER B 47 -31.89 18.12 17.88
CA SER B 47 -31.50 16.94 18.62
C SER B 47 -32.53 15.81 18.49
N ASP B 48 -33.81 16.19 18.56
CA ASP B 48 -34.93 15.27 18.29
C ASP B 48 -34.83 14.62 16.90
N LYS B 49 -34.80 15.42 15.84
CA LYS B 49 -34.62 14.91 14.47
C LYS B 49 -33.42 13.97 14.33
N ILE B 50 -32.28 14.36 14.87
CA ILE B 50 -31.08 13.52 14.87
C ILE B 50 -31.29 12.21 15.59
N THR B 51 -31.92 12.25 16.77
CA THR B 51 -32.37 11.03 17.51
C THR B 51 -33.24 10.10 16.67
N GLN B 52 -34.09 10.67 15.81
CA GLN B 52 -34.97 9.84 14.99
C GLN B 52 -34.16 9.21 13.85
N VAL B 53 -33.25 9.99 13.28
CA VAL B 53 -32.35 9.50 12.23
C VAL B 53 -31.46 8.37 12.73
N VAL B 54 -30.77 8.60 13.84
CA VAL B 54 -29.92 7.55 14.43
C VAL B 54 -30.69 6.23 14.73
N ALA B 55 -31.90 6.35 15.25
CA ALA B 55 -32.70 5.14 15.57
C ALA B 55 -33.15 4.38 14.33
N GLU B 56 -33.52 5.08 13.27
CA GLU B 56 -33.92 4.43 12.02
C GLU B 56 -32.75 3.71 11.34
N ASN B 57 -31.59 4.39 11.29
CA ASN B 57 -30.35 3.81 10.76
C ASN B 57 -29.90 2.58 11.51
N ALA B 58 -29.95 2.68 12.84
CA ALA B 58 -29.58 1.54 13.69
C ALA B 58 -30.47 0.36 13.40
N ALA B 59 -31.78 0.60 13.34
CA ALA B 59 -32.74 -0.46 13.00
C ALA B 59 -32.58 -0.97 11.57
N LYS B 60 -32.19 -0.08 10.64
CA LYS B 60 -31.82 -0.48 9.28
C LYS B 60 -30.58 -1.36 9.32
N ALA B 61 -29.54 -0.97 10.07
CA ALA B 61 -28.26 -1.72 10.03
C ALA B 61 -28.46 -3.14 10.57
N LYS B 62 -29.22 -3.25 11.65
CA LYS B 62 -29.58 -4.54 12.23
C LYS B 62 -30.30 -5.40 11.18
N ARG B 63 -31.25 -4.79 10.46
CA ARG B 63 -32.00 -5.48 9.41
CA ARG B 63 -32.02 -5.43 9.39
C ARG B 63 -31.08 -6.02 8.31
N GLY B 65 -28.00 -7.02 8.68
CA GLY B 65 -26.94 -7.89 9.25
C GLY B 65 -25.75 -7.17 9.91
N GLY B 66 -25.87 -5.85 10.07
CA GLY B 66 -24.79 -5.02 10.60
C GLY B 66 -23.82 -4.52 9.56
N VAL B 67 -22.93 -3.64 10.01
CA VAL B 67 -21.99 -2.96 9.14
C VAL B 67 -20.83 -3.91 8.99
N LYS B 68 -20.43 -4.16 7.76
CA LYS B 68 -19.25 -4.93 7.40
C LYS B 68 -18.04 -4.02 7.38
N ASP B 69 -18.18 -2.89 6.71
CA ASP B 69 -17.09 -1.95 6.60
C ASP B 69 -17.62 -0.54 6.28
N ILE B 70 -16.75 0.45 6.41
CA ILE B 70 -17.05 1.84 6.09
C ILE B 70 -15.85 2.40 5.31
N GLN B 71 -16.10 2.99 4.14
CA GLN B 71 -15.09 3.36 3.18
C GLN B 71 -15.45 4.72 2.57
N ILE B 72 -14.41 5.45 2.17
CA ILE B 72 -14.54 6.74 1.53
C ILE B 72 -14.41 6.49 0.03
N GLU B 73 -15.37 7.01 -0.73
CA GLU B 73 -15.40 6.84 -2.19
C GLU B 73 -15.02 8.08 -2.95
N GLU B 74 -15.33 9.26 -2.40
CA GLU B 74 -15.03 10.56 -3.01
C GLU B 74 -14.70 11.61 -1.94
N LYS B 75 -13.80 12.55 -2.27
CA LYS B 75 -13.31 13.58 -1.33
C LYS B 75 -13.31 14.87 -2.09
N THR B 76 -13.86 15.92 -1.50
CA THR B 76 -13.65 17.28 -2.01
C THR B 76 -13.34 18.14 -0.81
N ILE B 77 -12.06 18.46 -0.62
CA ILE B 77 -11.57 19.02 0.64
C ILE B 77 -10.63 20.19 0.39
N ASN B 78 -10.81 21.28 1.13
CA ASN B 78 -9.82 22.41 1.16
C ASN B 78 -9.46 22.74 2.61
N LYS B 79 -8.94 23.94 2.86
CA LYS B 79 -8.50 24.37 4.19
C LYS B 79 -9.63 24.24 5.20
N ASP B 80 -10.81 24.71 4.82
CA ASP B 80 -11.88 24.88 5.79
C ASP B 80 -13.22 24.21 5.47
N SER B 81 -13.33 23.43 4.38
CA SER B 81 -14.57 22.74 4.09
C SER B 81 -14.36 21.43 3.38
N ALA B 82 -15.32 20.49 3.57
CA ALA B 82 -15.18 19.16 3.06
C ALA B 82 -16.52 18.53 2.74
N LYS B 83 -16.51 17.71 1.69
CA LYS B 83 -17.62 16.93 1.23
C LYS B 83 -17.02 15.57 0.90
N ILE B 84 -17.53 14.54 1.58
CA ILE B 84 -16.94 13.22 1.61
C ILE B 84 -18.05 12.19 1.44
N ARG B 85 -17.96 11.40 0.39
CA ARG B 85 -18.97 10.35 0.14
C ARG B 85 -18.47 9.20 0.96
N VAL B 86 -19.26 8.81 1.96
CA VAL B 86 -18.94 7.65 2.77
C VAL B 86 -19.84 6.49 2.33
N LEU B 87 -19.22 5.34 2.10
CA LEU B 87 -19.92 4.10 1.68
C LEU B 87 -19.98 3.16 2.89
N VAL B 88 -21.17 2.73 3.26
CA VAL B 88 -21.34 1.73 4.30
C VAL B 88 -21.65 0.42 3.58
N LEU B 89 -20.88 -0.62 3.88
CA LEU B 89 -21.08 -1.96 3.32
C LEU B 89 -21.70 -2.79 4.42
N PHE B 90 -22.90 -3.31 4.17
CA PHE B 90 -23.60 -4.13 5.15
C PHE B 90 -23.29 -5.63 4.97
N ASN B 91 -23.52 -6.41 6.02
CA ASN B 91 -23.21 -7.84 5.97
C ASN B 91 -24.14 -8.67 5.06
N ASN B 92 -25.22 -8.08 4.56
CA ASN B 92 -26.05 -8.78 3.58
C ASN B 92 -25.63 -8.53 2.11
N ASP B 93 -24.48 -7.87 1.89
CA ASP B 93 -23.92 -7.49 0.56
C ASP B 93 -24.54 -6.26 -0.08
N ASN B 94 -25.50 -5.62 0.59
CA ASN B 94 -25.98 -4.31 0.14
C ASN B 94 -25.04 -3.24 0.66
N ASN B 95 -24.82 -2.21 -0.15
CA ASN B 95 -24.03 -1.06 0.28
C ASN B 95 -24.85 0.20 0.09
N GLN B 96 -24.52 1.26 0.85
CA GLN B 96 -25.18 2.58 0.67
C GLN B 96 -24.20 3.68 0.88
N SER B 97 -24.39 4.78 0.20
CA SER B 97 -23.49 5.90 0.33
C SER B 97 -24.26 7.20 0.33
N SER B 98 -23.66 8.21 0.98
CA SER B 98 -24.23 9.56 1.07
C SER B 98 -23.07 10.48 1.41
N ASN B 99 -23.27 11.76 1.22
CA ASN B 99 -22.24 12.73 1.50
C ASN B 99 -22.30 13.19 2.94
N VAL B 100 -21.13 13.23 3.58
CA VAL B 100 -20.94 13.95 4.85
C VAL B 100 -20.27 15.29 4.51
N PHE B 101 -20.92 16.37 4.91
CA PHE B 101 -20.30 17.69 4.81
C PHE B 101 -19.66 18.10 6.10
N LEU B 102 -18.44 18.66 6.03
CA LEU B 102 -17.78 19.21 7.21
C LEU B 102 -17.25 20.60 6.96
N ALA B 103 -17.14 21.39 8.03
CA ALA B 103 -16.45 22.66 8.01
C ALA B 103 -15.48 22.72 9.20
N LYS B 104 -14.37 23.44 9.05
CA LYS B 104 -13.47 23.72 10.16
C LYS B 104 -13.95 25.00 10.81
N LYS B 105 -14.19 24.98 12.12
CA LYS B 105 -14.71 26.12 12.90
C LYS B 105 -14.17 25.95 14.32
N ASP B 106 -13.77 27.07 14.93
CA ASP B 106 -12.67 27.12 15.90
C ASP B 106 -11.52 26.38 15.17
N ARG B 107 -10.73 25.54 15.84
CA ARG B 107 -9.63 24.92 15.15
C ARG B 107 -9.95 23.44 14.89
N LYS B 108 -11.24 23.07 14.84
CA LYS B 108 -11.70 21.66 14.69
C LYS B 108 -12.70 21.49 13.52
N TRP B 109 -12.71 20.28 12.94
CA TRP B 109 -13.67 19.95 11.90
C TRP B 109 -14.95 19.45 12.55
N LEU B 110 -16.08 19.89 12.00
CA LEU B 110 -17.43 19.58 12.52
C LEU B 110 -18.31 19.13 11.37
N VAL B 111 -19.19 18.20 11.61
CA VAL B 111 -20.13 17.72 10.59
C VAL B 111 -21.21 18.77 10.52
N LEU B 112 -21.53 19.22 9.31
CA LEU B 112 -22.62 20.15 9.09
C LEU B 112 -23.95 19.39 8.98
N LEU B 113 -25.01 20.01 9.47
CA LEU B 113 -26.35 19.59 9.18
C LEU B 113 -26.72 20.19 7.83
N LYS B 114 -26.84 19.35 6.81
CA LYS B 114 -27.49 19.73 5.55
C LYS B 114 -28.96 19.26 5.64
N SER C 7 2.14 0.79 0.12
CA SER C 7 0.95 -0.10 0.43
C SER C 7 1.16 -1.61 0.16
N ASN C 8 2.16 -1.93 -0.65
CA ASN C 8 2.73 -3.27 -0.76
C ASN C 8 4.17 -3.20 -0.23
N PRO C 9 4.73 -4.34 0.22
CA PRO C 9 5.97 -4.22 0.98
C PRO C 9 7.22 -3.98 0.17
N GLU C 10 7.19 -4.33 -1.11
CA GLU C 10 8.31 -4.05 -2.03
C GLU C 10 8.47 -2.58 -2.22
N ASP C 11 7.36 -1.91 -2.50
CA ASP C 11 7.36 -0.45 -2.61
C ASP C 11 7.79 0.20 -1.33
N LEU C 12 7.27 -0.30 -0.21
CA LEU C 12 7.63 0.23 1.10
C LEU C 12 9.11 0.08 1.36
N ALA C 13 9.65 -1.10 1.09
CA ALA C 13 11.09 -1.37 1.27
C ALA C 13 11.97 -0.42 0.47
N LYS C 14 11.58 -0.19 -0.79
CA LYS C 14 12.30 0.74 -1.64
C LYS C 14 12.19 2.20 -1.23
N ASN C 15 11.00 2.63 -0.81
CA ASN C 15 10.79 4.00 -0.38
C ASN C 15 11.56 4.32 0.88
N PHE C 16 11.50 3.38 1.84
CA PHE C 16 12.30 3.41 3.07
C PHE C 16 13.77 3.57 2.82
N THR C 17 14.32 2.73 1.94
CA THR C 17 15.71 2.78 1.58
C THR C 17 16.09 4.09 0.93
N LYS C 18 15.27 4.56 -0.02
CA LYS C 18 15.46 5.87 -0.62
C LYS C 18 15.55 6.95 0.47
N ASP C 19 14.58 6.99 1.39
CA ASP C 19 14.64 7.95 2.52
C ASP C 19 15.80 7.75 3.48
N LEU C 20 16.28 6.53 3.62
CA LEU C 20 17.45 6.24 4.45
C LEU C 20 18.74 6.92 3.93
N TYR C 21 18.73 7.34 2.67
CA TYR C 21 19.81 8.08 2.03
C TYR C 21 19.49 9.55 1.74
N SER C 22 18.32 10.03 2.17
CA SER C 22 17.86 11.40 1.96
C SER C 22 18.44 12.42 2.95
N GLY C 23 18.80 11.97 4.15
CA GLY C 23 19.30 12.84 5.22
C GLY C 23 18.29 13.32 6.25
N ASP C 24 17.08 12.75 6.27
CA ASP C 24 16.00 13.17 7.20
C ASP C 24 15.51 12.02 8.10
N THR C 25 15.79 12.12 9.40
CA THR C 25 15.42 11.10 10.36
C THR C 25 13.91 11.01 10.62
N LYS C 26 13.20 12.14 10.68
CA LYS C 26 11.71 12.07 10.84
C LYS C 26 11.04 11.23 9.72
N SER C 27 11.48 11.39 8.47
CA SER C 27 10.99 10.56 7.36
C SER C 27 11.19 9.06 7.60
N VAL C 28 12.42 8.66 7.92
CA VAL C 28 12.73 7.24 8.18
C VAL C 28 11.94 6.69 9.36
N SER C 30 9.09 7.50 10.53
CA SER C 30 7.67 7.35 10.27
C SER C 30 7.29 6.01 9.64
N TYR C 31 8.26 5.28 9.07
CA TYR C 31 8.04 3.91 8.60
C TYR C 31 8.11 2.81 9.66
N ILE C 32 8.84 3.03 10.75
CA ILE C 32 9.30 1.96 11.66
C ILE C 32 8.34 1.65 12.81
N ASP C 33 8.02 0.38 13.02
CA ASP C 33 7.15 -0.05 14.09
C ASP C 33 7.92 -0.02 15.42
N LEU C 34 7.58 0.92 16.32
CA LEU C 34 8.16 1.00 17.68
C LEU C 34 7.24 0.52 18.82
N SER C 35 6.16 -0.20 18.49
CA SER C 35 5.29 -0.81 19.51
C SER C 35 6.01 -1.66 20.56
N GLU C 36 7.16 -2.25 20.22
CA GLU C 36 8.01 -2.98 21.18
C GLU C 36 8.91 -2.08 22.09
N ALA C 37 8.87 -0.76 21.92
CA ALA C 37 9.57 0.11 22.87
C ALA C 37 8.69 0.17 24.12
N LYS C 38 9.28 -0.14 25.25
CA LYS C 38 8.60 -0.08 26.52
C LYS C 38 8.51 1.37 27.07
N SER C 39 9.29 2.31 26.52
CA SER C 39 9.34 3.68 27.01
C SER C 39 9.88 4.68 26.00
N ASP C 40 9.70 5.95 26.34
CA ASP C 40 10.25 7.04 25.56
C ASP C 40 11.76 7.05 25.55
N GLU C 41 12.38 6.71 26.68
CA GLU C 41 13.84 6.64 26.74
C GLU C 41 14.29 5.62 25.69
N GLU C 42 13.71 4.43 25.75
CA GLU C 42 13.96 3.34 24.78
C GLU C 42 13.81 3.83 23.32
N LYS C 43 12.74 4.58 23.03
CA LYS C 43 12.54 5.16 21.69
C LYS C 43 13.53 6.25 21.32
N THR C 44 13.91 7.10 22.26
CA THR C 44 14.96 8.11 22.02
C THR C 44 16.26 7.44 21.61
N PHE C 45 16.67 6.40 22.33
CA PHE C 45 17.84 5.59 22.01
C PHE C 45 17.73 4.99 20.60
N VAL C 46 16.56 4.41 20.27
CA VAL C 46 16.31 3.93 18.89
C VAL C 46 16.48 5.06 17.90
N SER C 47 15.82 6.18 18.18
CA SER C 47 15.80 7.33 17.29
C SER C 47 17.15 7.99 17.05
N ASP C 48 17.99 8.08 18.07
CA ASP C 48 19.36 8.61 17.87
C ASP C 48 20.27 7.67 17.08
N LYS C 49 20.08 6.36 17.25
CA LYS C 49 20.78 5.35 16.45
C LYS C 49 20.36 5.43 15.00
N ILE C 50 19.11 5.81 14.73
CA ILE C 50 18.62 5.94 13.36
C ILE C 50 19.16 7.22 12.71
N THR C 51 19.21 8.30 13.47
CA THR C 51 19.94 9.54 13.06
C THR C 51 21.43 9.35 12.77
N GLN C 52 22.09 8.48 13.51
CA GLN C 52 23.47 8.15 13.28
C GLN C 52 23.58 7.49 11.89
N VAL C 53 22.69 6.54 11.62
CA VAL C 53 22.68 5.80 10.38
C VAL C 53 22.38 6.70 9.17
N VAL C 54 21.34 7.54 9.30
CA VAL C 54 20.96 8.45 8.22
C VAL C 54 22.10 9.41 7.86
N ALA C 55 22.73 10.00 8.88
CA ALA C 55 23.86 10.89 8.70
C ALA C 55 25.03 10.20 7.97
N GLU C 56 25.32 8.98 8.39
CA GLU C 56 26.34 8.14 7.77
C GLU C 56 26.03 7.97 6.30
N ASN C 57 24.80 7.61 6.00
CA ASN C 57 24.41 7.17 4.66
C ASN C 57 24.37 8.34 3.71
N ALA C 58 23.90 9.46 4.21
CA ALA C 58 23.84 10.68 3.42
C ALA C 58 25.28 11.11 3.02
N ALA C 59 26.22 11.07 3.97
CA ALA C 59 27.65 11.42 3.70
C ALA C 59 28.28 10.45 2.67
N LYS C 60 27.98 9.16 2.82
CA LYS C 60 28.42 8.09 1.92
C LYS C 60 27.89 8.26 0.48
N ALA C 61 26.59 8.50 0.36
CA ALA C 61 25.95 8.71 -0.93
C ALA C 61 26.65 9.83 -1.67
N LYS C 62 26.78 10.99 -1.02
CA LYS C 62 27.47 12.14 -1.59
C LYS C 62 28.92 11.85 -1.99
N ARG C 63 29.67 11.20 -1.10
CA ARG C 63 31.03 10.73 -1.45
C ARG C 63 31.07 9.85 -2.69
N GLY C 65 29.00 9.96 -5.30
CA GLY C 65 28.43 10.58 -6.48
C GLY C 65 26.92 10.63 -6.52
N GLY C 66 26.22 10.26 -5.45
CA GLY C 66 24.74 10.17 -5.45
C GLY C 66 24.22 8.75 -5.71
N VAL C 67 22.93 8.53 -5.46
CA VAL C 67 22.24 7.26 -5.75
C VAL C 67 21.85 7.25 -7.23
N LYS C 68 22.17 6.16 -7.92
CA LYS C 68 21.86 5.95 -9.34
C LYS C 68 20.52 5.25 -9.46
N ASP C 69 20.32 4.24 -8.63
CA ASP C 69 19.12 3.44 -8.69
C ASP C 69 18.97 2.65 -7.40
N ILE C 70 17.76 2.15 -7.17
CA ILE C 70 17.42 1.27 -6.04
C ILE C 70 16.60 0.10 -6.61
N GLN C 71 16.97 -1.13 -6.29
CA GLN C 71 16.38 -2.34 -6.83
C GLN C 71 16.26 -3.35 -5.71
N ILE C 72 15.36 -4.32 -5.92
CA ILE C 72 15.22 -5.49 -5.05
C ILE C 72 15.96 -6.69 -5.67
N GLU C 73 16.86 -7.34 -4.92
CA GLU C 73 17.53 -8.59 -5.34
C GLU C 73 16.91 -9.85 -4.79
N GLU C 74 16.31 -9.78 -3.61
CA GLU C 74 15.74 -10.96 -2.95
C GLU C 74 14.46 -10.59 -2.21
N LYS C 75 13.46 -11.45 -2.30
CA LYS C 75 12.15 -11.28 -1.64
C LYS C 75 11.80 -12.59 -0.97
N THR C 76 11.42 -12.52 0.31
CA THR C 76 10.68 -13.57 0.98
C THR C 76 9.50 -12.93 1.67
N ILE C 77 8.29 -13.17 1.14
CA ILE C 77 7.10 -12.41 1.52
C ILE C 77 5.91 -13.36 1.61
N ASN C 78 5.11 -13.24 2.67
CA ASN C 78 3.80 -13.91 2.75
C ASN C 78 2.66 -12.92 3.09
N LYS C 79 1.48 -13.42 3.49
CA LYS C 79 0.35 -12.51 3.85
CA LYS C 79 0.34 -12.54 3.90
C LYS C 79 0.70 -11.39 4.86
N ASP C 80 1.54 -11.67 5.86
CA ASP C 80 1.79 -10.69 6.93
C ASP C 80 3.24 -10.32 7.27
N SER C 81 4.21 -10.83 6.49
CA SER C 81 5.60 -10.56 6.81
C SER C 81 6.50 -10.69 5.62
N ALA C 82 7.60 -9.94 5.65
CA ALA C 82 8.48 -9.85 4.52
C ALA C 82 9.93 -9.60 4.93
N LYS C 83 10.85 -10.18 4.18
CA LYS C 83 12.24 -9.91 4.25
C LYS C 83 12.70 -9.68 2.82
N ILE C 84 13.37 -8.53 2.59
CA ILE C 84 13.59 -7.98 1.25
C ILE C 84 14.97 -7.39 1.15
N ARG C 85 15.79 -7.90 0.24
CA ARG C 85 17.14 -7.38 0.11
C ARG C 85 17.03 -6.27 -0.90
N VAL C 86 17.29 -5.06 -0.43
CA VAL C 86 17.28 -3.88 -1.29
C VAL C 86 18.73 -3.51 -1.66
N LEU C 87 18.97 -3.33 -2.96
CA LEU C 87 20.27 -2.94 -3.52
C LEU C 87 20.29 -1.48 -3.88
N VAL C 88 21.29 -0.74 -3.39
CA VAL C 88 21.46 0.65 -3.75
C VAL C 88 22.66 0.69 -4.70
N LEU C 89 22.41 1.23 -5.90
CA LEU C 89 23.40 1.43 -6.91
C LEU C 89 23.77 2.91 -6.89
N PHE C 90 25.06 3.18 -6.77
CA PHE C 90 25.58 4.51 -6.68
C PHE C 90 26.21 4.93 -8.01
N ASN C 91 26.26 6.23 -8.19
CA ASN C 91 26.76 6.81 -9.42
C ASN C 91 28.26 6.60 -9.65
N ASN C 92 29.03 6.18 -8.62
CA ASN C 92 30.42 5.79 -8.86
C ASN C 92 30.56 4.32 -9.29
N ASP C 93 29.45 3.65 -9.53
CA ASP C 93 29.39 2.28 -9.99
C ASP C 93 29.61 1.20 -8.91
N ASN C 94 29.72 1.62 -7.63
CA ASN C 94 29.71 0.67 -6.52
C ASN C 94 28.25 0.50 -6.11
N ASN C 95 27.92 -0.68 -5.60
CA ASN C 95 26.57 -0.96 -5.11
C ASN C 95 26.60 -1.45 -3.66
N GLN C 96 25.51 -1.29 -2.91
CA GLN C 96 25.43 -1.82 -1.54
C GLN C 96 24.00 -2.31 -1.28
N SER C 97 23.88 -3.38 -0.54
CA SER C 97 22.57 -3.98 -0.29
C SER C 97 22.40 -4.37 1.14
N SER C 98 21.15 -4.49 1.58
CA SER C 98 20.88 -4.98 2.94
CA SER C 98 20.87 -4.89 2.97
C SER C 98 19.41 -5.37 3.07
N ASN C 99 19.13 -6.16 4.09
CA ASN C 99 17.78 -6.65 4.30
C ASN C 99 16.88 -5.60 4.98
N VAL C 100 15.65 -5.42 4.44
CA VAL C 100 14.60 -4.70 5.15
C VAL C 100 13.58 -5.73 5.58
N PHE C 101 13.27 -5.76 6.87
CA PHE C 101 12.20 -6.62 7.41
C PHE C 101 10.97 -5.79 7.63
N LEU C 102 9.81 -6.41 7.39
CA LEU C 102 8.52 -5.75 7.42
C LEU C 102 7.43 -6.71 7.89
N ALA C 103 6.37 -6.15 8.46
CA ALA C 103 5.23 -6.88 8.91
C ALA C 103 3.98 -6.07 8.60
N LYS C 104 2.86 -6.77 8.40
CA LYS C 104 1.56 -6.17 8.14
C LYS C 104 0.78 -6.35 9.44
N LYS C 105 0.45 -5.25 10.08
CA LYS C 105 -0.40 -5.19 11.25
C LYS C 105 -1.43 -4.11 10.93
N ASP C 106 -2.70 -4.37 11.30
CA ASP C 106 -3.77 -3.36 11.15
C ASP C 106 -3.89 -2.91 9.67
N ARG C 107 -3.83 -3.87 8.74
CA ARG C 107 -3.91 -3.62 7.29
C ARG C 107 -2.75 -2.80 6.60
N LYS C 108 -1.76 -2.28 7.35
CA LYS C 108 -0.65 -1.49 6.74
C LYS C 108 0.69 -2.19 7.00
N TRP C 109 1.59 -2.20 6.00
CA TRP C 109 2.96 -2.69 6.20
C TRP C 109 3.83 -1.64 6.90
N LEU C 110 4.65 -2.09 7.87
CA LEU C 110 5.62 -1.26 8.58
C LEU C 110 6.95 -1.96 8.58
N VAL C 111 8.04 -1.17 8.62
CA VAL C 111 9.37 -1.71 8.79
C VAL C 111 9.53 -2.15 10.22
N LEU C 112 10.21 -3.27 10.45
CA LEU C 112 10.71 -3.65 11.78
C LEU C 112 12.23 -3.29 11.96
N LEU C 113 12.66 -3.01 13.19
CA LEU C 113 14.08 -2.86 13.50
C LEU C 113 14.68 -4.26 13.61
N LYS C 114 15.85 -4.48 12.98
CA LYS C 114 16.59 -5.75 13.10
C LYS C 114 17.17 -5.90 14.51
N SER D 7 45.93 -17.56 -9.63
CA SER D 7 46.48 -16.48 -10.53
C SER D 7 45.97 -16.50 -12.01
N ASN D 8 44.71 -16.90 -12.21
CA ASN D 8 43.88 -16.27 -13.23
C ASN D 8 43.27 -14.97 -12.60
N PRO D 9 42.73 -14.05 -13.43
CA PRO D 9 42.38 -12.76 -12.88
C PRO D 9 41.21 -12.75 -11.87
N GLU D 10 40.36 -13.77 -11.91
CA GLU D 10 39.28 -13.93 -10.95
C GLU D 10 39.79 -14.23 -9.54
N ASP D 11 40.76 -15.14 -9.46
CA ASP D 11 41.31 -15.56 -8.18
C ASP D 11 42.14 -14.43 -7.62
N LEU D 12 42.86 -13.73 -8.48
CA LEU D 12 43.60 -12.55 -8.04
C LEU D 12 42.66 -11.49 -7.50
N ALA D 13 41.51 -11.29 -8.16
CA ALA D 13 40.60 -10.18 -7.76
C ALA D 13 39.99 -10.45 -6.38
N LYS D 14 39.60 -11.71 -6.16
CA LYS D 14 39.06 -12.18 -4.91
C LYS D 14 40.06 -12.16 -3.75
N ASN D 15 41.28 -12.64 -4.01
CA ASN D 15 42.37 -12.58 -3.04
C ASN D 15 42.79 -11.16 -2.69
N PHE D 16 42.87 -10.29 -3.70
CA PHE D 16 43.10 -8.87 -3.47
C PHE D 16 42.07 -8.25 -2.53
N THR D 17 40.80 -8.58 -2.75
CA THR D 17 39.66 -8.09 -1.95
C THR D 17 39.72 -8.64 -0.52
N LYS D 18 39.86 -9.95 -0.39
CA LYS D 18 40.13 -10.58 0.91
C LYS D 18 41.22 -9.86 1.66
N ASP D 19 42.39 -9.70 1.04
CA ASP D 19 43.49 -9.08 1.75
C ASP D 19 43.26 -7.63 2.10
N LEU D 20 42.59 -6.91 1.21
CA LEU D 20 42.19 -5.55 1.49
C LEU D 20 41.39 -5.48 2.79
N TYR D 21 40.30 -6.25 2.88
CA TYR D 21 39.36 -6.17 4.01
C TYR D 21 39.96 -6.79 5.29
N SER D 22 40.93 -7.70 5.16
CA SER D 22 41.64 -8.24 6.34
C SER D 22 42.74 -7.27 6.88
N GLY D 23 43.06 -6.22 6.14
CA GLY D 23 44.12 -5.25 6.59
C GLY D 23 45.57 -5.62 6.23
N ASP D 24 45.73 -6.64 5.39
CA ASP D 24 47.07 -7.10 5.02
C ASP D 24 47.70 -6.23 3.92
N THR D 25 48.29 -5.13 4.36
CA THR D 25 48.87 -4.10 3.49
C THR D 25 49.99 -4.64 2.63
N LYS D 26 50.80 -5.53 3.20
CA LYS D 26 51.92 -6.13 2.51
C LYS D 26 51.45 -7.01 1.37
N SER D 27 50.47 -7.89 1.60
CA SER D 27 49.96 -8.70 0.51
C SER D 27 49.25 -7.81 -0.56
N VAL D 28 48.51 -6.80 -0.10
CA VAL D 28 47.79 -5.93 -1.04
C VAL D 28 48.77 -5.31 -2.03
N SER D 30 51.59 -6.34 -2.92
CA SER D 30 52.18 -7.31 -3.83
C SER D 30 51.31 -7.61 -5.08
N TYR D 31 50.00 -7.32 -5.05
CA TYR D 31 49.10 -7.48 -6.22
C TYR D 31 49.09 -6.30 -7.19
N ILE D 32 49.59 -5.15 -6.79
CA ILE D 32 49.35 -3.91 -7.54
C ILE D 32 50.39 -3.73 -8.63
N ASP D 33 49.96 -3.21 -9.78
CA ASP D 33 50.91 -2.82 -10.82
C ASP D 33 51.59 -1.47 -10.48
N LEU D 34 52.88 -1.50 -10.17
CA LEU D 34 53.65 -0.28 -9.89
C LEU D 34 54.63 0.10 -11.01
N SER D 35 54.41 -0.39 -12.23
CA SER D 35 55.34 -0.09 -13.32
C SER D 35 55.34 1.40 -13.73
N GLU D 36 54.21 2.09 -13.57
CA GLU D 36 54.11 3.53 -13.85
C GLU D 36 54.80 4.38 -12.76
N ALA D 37 54.79 3.90 -11.52
CA ALA D 37 55.47 4.57 -10.42
C ALA D 37 57.00 4.50 -10.57
N LYS D 38 57.55 5.32 -11.47
CA LYS D 38 58.98 5.24 -11.88
C LYS D 38 59.97 5.84 -10.84
N SER D 39 59.58 6.89 -10.11
CA SER D 39 60.45 7.48 -9.07
C SER D 39 60.16 6.99 -7.65
N ASP D 40 61.07 7.33 -6.75
CA ASP D 40 60.89 7.08 -5.32
C ASP D 40 59.67 7.76 -4.73
N GLU D 41 59.49 9.04 -5.03
CA GLU D 41 58.35 9.77 -4.50
C GLU D 41 56.99 9.24 -4.99
N GLU D 42 56.93 8.75 -6.22
CA GLU D 42 55.70 8.07 -6.72
C GLU D 42 55.42 6.75 -5.99
N LYS D 43 56.48 5.96 -5.76
CA LYS D 43 56.33 4.67 -5.04
C LYS D 43 55.86 4.90 -3.60
N THR D 44 56.54 5.80 -2.92
CA THR D 44 56.15 6.31 -1.60
C THR D 44 54.70 6.80 -1.56
N PHE D 45 54.32 7.67 -2.51
CA PHE D 45 52.95 8.14 -2.57
C PHE D 45 51.96 6.97 -2.58
N VAL D 46 52.18 6.01 -3.50
CA VAL D 46 51.26 4.90 -3.65
C VAL D 46 51.22 4.04 -2.39
N SER D 47 52.39 3.80 -1.82
CA SER D 47 52.48 3.00 -0.58
C SER D 47 51.67 3.66 0.55
N ASP D 48 51.85 4.98 0.68
CA ASP D 48 51.16 5.79 1.70
C ASP D 48 49.64 5.68 1.51
N LYS D 49 49.17 5.95 0.29
CA LYS D 49 47.74 5.96 -0.01
C LYS D 49 47.12 4.59 0.16
N ILE D 50 47.79 3.55 -0.34
CA ILE D 50 47.34 2.16 -0.13
C ILE D 50 47.33 1.76 1.34
N THR D 51 48.33 2.19 2.11
CA THR D 51 48.31 1.96 3.57
C THR D 51 47.03 2.55 4.18
N GLN D 52 46.66 3.77 3.75
CA GLN D 52 45.45 4.46 4.28
C GLN D 52 44.17 3.76 3.84
N VAL D 53 44.09 3.40 2.56
CA VAL D 53 42.91 2.73 2.01
C VAL D 53 42.72 1.35 2.65
N VAL D 54 43.81 0.64 2.88
CA VAL D 54 43.75 -0.63 3.56
C VAL D 54 43.29 -0.48 5.01
N ALA D 55 43.95 0.35 5.78
CA ALA D 55 43.53 0.64 7.17
C ALA D 55 42.03 0.97 7.29
N GLU D 56 41.50 1.80 6.40
CA GLU D 56 40.11 2.21 6.55
C GLU D 56 39.17 1.14 6.01
N ASN D 57 39.54 0.44 4.94
CA ASN D 57 38.71 -0.70 4.50
C ASN D 57 38.67 -1.84 5.54
N ALA D 58 39.77 -2.11 6.23
CA ALA D 58 39.73 -3.09 7.32
C ALA D 58 38.84 -2.62 8.48
N ALA D 59 38.97 -1.35 8.89
CA ALA D 59 38.06 -0.78 9.93
C ALA D 59 36.56 -0.96 9.56
N LYS D 60 36.22 -0.69 8.28
CA LYS D 60 34.89 -0.90 7.76
C LYS D 60 34.47 -2.36 7.96
N ALA D 61 35.28 -3.29 7.47
CA ALA D 61 35.07 -4.73 7.66
C ALA D 61 34.78 -5.11 9.10
N LYS D 62 35.59 -4.60 10.04
CA LYS D 62 35.35 -4.89 11.46
C LYS D 62 34.00 -4.32 11.90
N ARG D 63 33.71 -3.09 11.48
CA ARG D 63 32.42 -2.42 11.78
C ARG D 63 31.16 -3.19 11.29
N GLY D 65 30.99 -6.45 11.16
CA GLY D 65 31.13 -7.81 11.65
C GLY D 65 32.02 -8.76 10.89
N GLY D 66 32.85 -8.23 9.99
CA GLY D 66 33.76 -9.06 9.20
C GLY D 66 33.13 -9.56 7.91
N VAL D 67 33.99 -10.05 7.02
CA VAL D 67 33.60 -10.58 5.69
C VAL D 67 33.10 -12.01 5.81
N LYS D 68 31.91 -12.26 5.27
CA LYS D 68 31.33 -13.59 5.28
C LYS D 68 31.75 -14.40 4.04
N ASP D 69 31.80 -13.75 2.88
CA ASP D 69 32.08 -14.44 1.63
C ASP D 69 32.46 -13.41 0.60
N ILE D 70 33.22 -13.84 -0.39
CA ILE D 70 33.57 -13.00 -1.55
C ILE D 70 33.26 -13.73 -2.82
N GLN D 71 32.52 -13.07 -3.72
CA GLN D 71 32.01 -13.72 -4.95
C GLN D 71 32.14 -12.77 -6.12
N ILE D 72 32.06 -13.31 -7.33
CA ILE D 72 32.19 -12.53 -8.55
C ILE D 72 30.82 -12.45 -9.16
N GLU D 73 30.41 -11.25 -9.55
CA GLU D 73 29.09 -11.00 -10.14
C GLU D 73 29.08 -10.82 -11.61
N GLU D 74 30.12 -10.18 -12.13
CA GLU D 74 30.25 -9.95 -13.57
CA GLU D 74 30.26 -9.91 -13.55
C GLU D 74 31.74 -10.00 -13.84
N LYS D 75 32.10 -10.24 -15.08
CA LYS D 75 33.49 -10.29 -15.48
C LYS D 75 33.62 -10.12 -16.97
N THR D 76 34.68 -9.44 -17.39
CA THR D 76 35.05 -9.31 -18.75
C THR D 76 36.53 -9.55 -18.74
N ILE D 77 36.98 -10.63 -19.39
CA ILE D 77 38.38 -10.98 -19.42
C ILE D 77 38.81 -11.14 -20.87
N ASN D 78 39.85 -10.38 -21.25
CA ASN D 78 40.50 -10.54 -22.54
CA ASN D 78 40.53 -10.53 -22.54
C ASN D 78 41.96 -11.00 -22.29
N LYS D 79 42.75 -11.17 -23.35
CA LYS D 79 44.11 -11.72 -23.21
CA LYS D 79 44.11 -11.72 -23.20
C LYS D 79 44.98 -10.92 -22.22
N ASP D 80 44.84 -9.60 -22.19
CA ASP D 80 45.69 -8.79 -21.27
C ASP D 80 44.97 -7.72 -20.43
N SER D 81 43.66 -7.81 -20.33
CA SER D 81 42.97 -6.96 -19.37
C SER D 81 41.67 -7.61 -18.90
N ALA D 82 41.25 -7.22 -17.69
CA ALA D 82 40.05 -7.76 -17.11
C ALA D 82 39.37 -6.70 -16.24
N LYS D 83 38.06 -6.79 -16.15
CA LYS D 83 37.23 -5.98 -15.25
C LYS D 83 36.34 -7.02 -14.58
N ILE D 84 36.48 -7.17 -13.27
CA ILE D 84 35.73 -8.15 -12.50
C ILE D 84 34.92 -7.41 -11.40
N ARG D 85 33.59 -7.58 -11.38
CA ARG D 85 32.78 -7.00 -10.30
C ARG D 85 32.83 -7.99 -9.17
N VAL D 86 33.46 -7.60 -8.06
CA VAL D 86 33.56 -8.46 -6.88
C VAL D 86 32.49 -8.06 -5.86
N LEU D 87 31.68 -9.04 -5.43
CA LEU D 87 30.69 -8.86 -4.34
C LEU D 87 31.26 -9.38 -3.03
N VAL D 88 31.26 -8.54 -1.99
CA VAL D 88 31.63 -8.93 -0.62
C VAL D 88 30.36 -8.97 0.22
N LEU D 89 30.22 -10.05 0.94
CA LEU D 89 29.10 -10.26 1.80
C LEU D 89 29.69 -10.15 3.17
N PHE D 90 29.13 -9.28 4.00
CA PHE D 90 29.59 -9.10 5.37
C PHE D 90 28.68 -9.86 6.29
N ASN D 91 29.20 -10.22 7.47
CA ASN D 91 28.46 -11.01 8.43
C ASN D 91 27.26 -10.29 8.96
N ASN D 92 27.26 -8.97 8.95
CA ASN D 92 26.07 -8.24 9.34
C ASN D 92 24.95 -8.29 8.30
N ASP D 93 25.16 -9.02 7.20
CA ASP D 93 24.14 -9.30 6.18
C ASP D 93 24.06 -8.17 5.15
N ASN D 94 24.88 -7.14 5.28
CA ASN D 94 25.09 -6.14 4.21
C ASN D 94 26.09 -6.67 3.19
N ASN D 95 25.93 -6.28 1.93
CA ASN D 95 26.85 -6.67 0.86
C ASN D 95 27.24 -5.41 0.10
N GLN D 96 28.45 -5.39 -0.44
CA GLN D 96 28.93 -4.31 -1.30
C GLN D 96 29.68 -4.86 -2.50
N SER D 97 29.49 -4.23 -3.65
CA SER D 97 30.22 -4.62 -4.84
C SER D 97 30.88 -3.42 -5.52
N SER D 98 32.00 -3.70 -6.20
CA SER D 98 32.70 -2.73 -7.02
C SER D 98 33.61 -3.48 -7.99
N ASN D 99 34.11 -2.77 -9.00
CA ASN D 99 34.95 -3.37 -10.02
C ASN D 99 36.40 -3.42 -9.64
N VAL D 100 37.08 -4.53 -9.92
CA VAL D 100 38.52 -4.58 -9.88
C VAL D 100 39.05 -4.69 -11.32
N PHE D 101 40.00 -3.79 -11.66
CA PHE D 101 40.64 -3.77 -12.98
C PHE D 101 42.02 -4.40 -12.92
N LEU D 102 42.30 -5.32 -13.84
CA LEU D 102 43.60 -6.01 -13.91
C LEU D 102 44.16 -5.94 -15.31
N ALA D 103 45.48 -5.87 -15.42
CA ALA D 103 46.21 -5.98 -16.68
C ALA D 103 47.14 -7.18 -16.52
N LYS D 104 47.42 -7.89 -17.62
CA LYS D 104 48.55 -8.83 -17.66
C LYS D 104 49.70 -8.08 -18.33
N LYS D 105 50.70 -7.69 -17.54
CA LYS D 105 51.96 -7.10 -18.01
C LYS D 105 53.02 -8.09 -17.63
N ASP D 106 54.01 -8.23 -18.49
CA ASP D 106 54.92 -9.37 -18.46
C ASP D 106 54.03 -10.64 -18.62
N ARG D 107 54.22 -11.71 -17.83
CA ARG D 107 53.30 -12.86 -17.94
C ARG D 107 52.33 -12.96 -16.76
N LYS D 108 52.39 -12.02 -15.79
CA LYS D 108 51.55 -12.03 -14.57
C LYS D 108 50.38 -11.02 -14.60
N TRP D 109 49.19 -11.46 -14.16
CA TRP D 109 48.09 -10.55 -13.87
C TRP D 109 48.37 -9.66 -12.66
N LEU D 110 47.98 -8.39 -12.77
CA LEU D 110 48.17 -7.45 -11.69
C LEU D 110 46.98 -6.54 -11.58
N VAL D 111 46.65 -6.13 -10.35
CA VAL D 111 45.60 -5.14 -10.11
C VAL D 111 46.06 -3.74 -10.48
N LEU D 112 45.24 -3.02 -11.23
CA LEU D 112 45.48 -1.62 -11.57
C LEU D 112 44.83 -0.70 -10.52
N LEU D 113 45.49 0.41 -10.24
CA LEU D 113 44.91 1.53 -9.46
C LEU D 113 44.07 2.39 -10.41
N LYS D 114 42.75 2.46 -10.13
CA LYS D 114 41.72 2.76 -11.16
C LYS D 114 41.46 4.27 -11.41
#